data_4KOA
#
_entry.id   4KOA
#
_cell.length_a   68.895
_cell.length_b   89.672
_cell.length_c   94.487
_cell.angle_alpha   90.00
_cell.angle_beta   90.00
_cell.angle_gamma   90.00
#
_symmetry.space_group_name_H-M   'C 2 2 21'
#
loop_
_entity.id
_entity.type
_entity.pdbx_description
1 polymer '1,5-anhydro-D-fructose reductase'
2 non-polymer 'NADPH DIHYDRO-NICOTINAMIDE-ADENINE-DINUCLEOTIDE PHOSPHATE'
3 water water
#
_entity_poly.entity_id   1
_entity_poly.type   'polypeptide(L)'
_entity_poly.pdbx_seq_one_letter_code
;MIRWGLIGASTIAREWVIGAIRAAGGEVVSVMSSSAERGEAYAAENGIAKAVTSVDDLVGDPDVDAVYISTTNELHHGQA
LAAIRAGKHVLCEKPLAMNLNDGCEMVLKACEAGVVLGTNHHLRNAATHRAMREAIAAGRIGRPIAARVFHAVYLPPHLQ
GWRLDKPEAGGGVILDITVHDADTLRFVLNDDPIEAVAISHSAGMGKEGLEDGVMGVLRFRSGVIAQFHDAFTTKFAETG
LEVHGTAGSLIGRNVMTQRPVGTVVLRNEEGESELPLDHRNLYETAIAAFHSAIGGNGRPSASGEDGVWSLATGLAVVKA
AATGGAVEIETGL
;
_entity_poly.pdbx_strand_id   A
#
# COMPACT_ATOMS: atom_id res chain seq x y z
N MET A 1 4.05 -4.67 26.00
CA MET A 1 3.50 -4.23 24.67
C MET A 1 4.66 -4.08 23.66
N ILE A 2 4.39 -4.36 22.40
CA ILE A 2 5.25 -3.92 21.32
C ILE A 2 5.19 -2.43 21.19
N ARG A 3 6.36 -1.80 21.19
CA ARG A 3 6.51 -0.35 21.22
C ARG A 3 7.03 0.09 19.88
N TRP A 4 6.31 1.03 19.28
CA TRP A 4 6.62 1.53 17.95
C TRP A 4 7.23 2.90 18.00
N GLY A 5 8.19 3.11 17.15
CA GLY A 5 8.67 4.40 16.81
C GLY A 5 8.24 4.79 15.41
N LEU A 6 7.84 6.05 15.27
CA LEU A 6 7.41 6.57 13.98
C LEU A 6 8.53 7.32 13.30
N ILE A 7 8.77 7.02 12.02
CA ILE A 7 9.62 7.83 11.21
C ILE A 7 8.66 8.54 10.22
N GLY A 8 8.52 9.83 10.42
CA GLY A 8 7.57 10.69 9.70
C GLY A 8 6.39 11.06 10.55
N ALA A 9 6.25 12.35 10.85
CA ALA A 9 5.12 12.83 11.62
C ALA A 9 4.04 13.21 10.59
N SER A 10 3.36 12.17 10.15
CA SER A 10 2.52 12.23 8.93
C SER A 10 1.05 12.28 9.20
N THR A 11 0.25 12.66 8.20
N THR A 11 0.29 12.66 8.17
CA THR A 11 -1.21 12.64 8.35
CA THR A 11 -1.17 12.62 8.15
C THR A 11 -1.74 11.20 8.33
C THR A 11 -1.69 11.21 8.33
N ILE A 12 -1.10 10.27 7.61
CA ILE A 12 -1.58 8.90 7.68
C ILE A 12 -1.34 8.29 9.10
N ALA A 13 -0.18 8.58 9.71
CA ALA A 13 0.04 8.08 11.10
C ALA A 13 -0.96 8.68 12.05
N ARG A 14 -1.29 9.98 11.88
CA ARG A 14 -2.27 10.64 12.73
C ARG A 14 -3.68 10.11 12.49
N GLU A 15 -4.12 10.04 11.25
CA GLU A 15 -5.49 9.64 10.91
C GLU A 15 -5.75 8.17 11.18
N TRP A 16 -4.75 7.33 10.95
CA TRP A 16 -4.96 5.88 10.94
C TRP A 16 -4.02 5.07 11.81
N VAL A 17 -2.72 5.23 11.62
CA VAL A 17 -1.79 4.21 12.16
C VAL A 17 -1.53 4.26 13.66
N ILE A 18 -1.37 5.43 14.24
CA ILE A 18 -1.28 5.56 15.74
C ILE A 18 -2.41 4.87 16.48
N GLY A 19 -3.66 5.16 16.08
CA GLY A 19 -4.79 4.54 16.75
C GLY A 19 -4.82 3.03 16.51
N ALA A 20 -4.42 2.61 15.31
CA ALA A 20 -4.40 1.21 14.98
C ALA A 20 -3.39 0.45 15.82
N ILE A 21 -2.21 1.05 15.99
CA ILE A 21 -1.20 0.43 16.83
C ILE A 21 -1.74 0.22 18.25
N ARG A 22 -2.33 1.28 18.83
CA ARG A 22 -2.88 1.19 20.17
C ARG A 22 -4.05 0.20 20.26
N ALA A 23 -4.94 0.20 19.24
CA ALA A 23 -6.07 -0.74 19.22
C ALA A 23 -5.58 -2.16 19.24
N ALA A 24 -4.44 -2.42 18.58
CA ALA A 24 -3.92 -3.80 18.44
C ALA A 24 -2.95 -4.15 19.55
N GLY A 25 -2.86 -3.26 20.55
CA GLY A 25 -2.22 -3.64 21.80
C GLY A 25 -0.81 -3.15 21.93
N GLY A 26 -0.37 -2.35 20.95
CA GLY A 26 0.97 -1.82 20.98
C GLY A 26 0.91 -0.41 21.55
N GLU A 27 2.01 0.30 21.48
N GLU A 27 2.05 0.27 21.46
CA GLU A 27 2.10 1.68 21.98
CA GLU A 27 2.34 1.58 22.04
C GLU A 27 3.10 2.37 21.11
C GLU A 27 3.05 2.35 20.95
N VAL A 28 2.87 3.66 20.91
CA VAL A 28 3.73 4.48 20.09
C VAL A 28 4.51 5.34 21.06
N VAL A 29 5.81 5.13 21.10
CA VAL A 29 6.63 5.71 22.17
C VAL A 29 7.47 6.89 21.73
N SER A 30 7.66 7.02 20.42
CA SER A 30 8.52 8.08 19.91
C SER A 30 8.15 8.39 18.48
N VAL A 31 8.45 9.62 18.09
CA VAL A 31 8.26 10.09 16.68
C VAL A 31 9.46 10.90 16.27
N MET A 32 9.98 10.54 15.10
CA MET A 32 11.04 11.28 14.43
C MET A 32 10.47 12.13 13.29
N SER A 33 10.85 13.42 13.35
CA SER A 33 10.50 14.42 12.35
C SER A 33 11.76 15.15 12.05
N SER A 34 11.97 15.54 10.77
N SER A 34 11.93 15.56 10.78
CA SER A 34 13.14 16.37 10.42
CA SER A 34 13.10 16.34 10.40
C SER A 34 13.11 17.70 11.16
C SER A 34 13.07 17.74 11.02
N SER A 35 11.93 18.13 11.58
CA SER A 35 11.82 19.41 12.30
C SER A 35 11.54 19.19 13.81
N ALA A 36 12.34 19.79 14.67
CA ALA A 36 12.11 19.70 16.12
C ALA A 36 10.78 20.23 16.51
N GLU A 37 10.39 21.36 15.93
CA GLU A 37 9.14 21.99 16.31
C GLU A 37 7.95 21.17 15.88
N ARG A 38 7.96 20.73 14.62
CA ARG A 38 6.86 19.89 14.13
C ARG A 38 6.74 18.59 14.97
N GLY A 39 7.87 17.92 15.18
CA GLY A 39 7.88 16.66 15.98
C GLY A 39 7.35 16.80 17.40
N GLU A 40 7.80 17.83 18.14
CA GLU A 40 7.21 18.13 19.46
C GLU A 40 5.73 18.41 19.44
N ALA A 41 5.28 19.31 18.57
CA ALA A 41 3.87 19.63 18.47
C ALA A 41 3.08 18.36 18.14
N TYR A 42 3.61 17.59 17.21
CA TYR A 42 2.92 16.33 16.79
C TYR A 42 2.88 15.34 17.93
N ALA A 43 4.01 15.19 18.63
CA ALA A 43 4.01 14.31 19.82
C ALA A 43 2.95 14.72 20.86
N ALA A 44 2.93 16.01 21.24
CA ALA A 44 1.88 16.49 22.19
C ALA A 44 0.51 16.24 21.62
N GLU A 45 0.26 16.54 20.36
CA GLU A 45 -1.14 16.41 19.89
C GLU A 45 -1.63 14.96 19.85
N ASN A 46 -0.71 14.04 19.64
CA ASN A 46 -1.08 12.61 19.47
C ASN A 46 -0.69 11.71 20.63
N GLY A 47 -0.37 12.33 21.77
CA GLY A 47 -0.13 11.58 23.00
C GLY A 47 1.12 10.69 22.94
N ILE A 48 2.18 11.15 22.31
CA ILE A 48 3.43 10.36 22.17
C ILE A 48 4.47 10.96 23.11
N ALA A 49 5.12 10.10 23.91
CA ALA A 49 5.99 10.59 25.00
C ALA A 49 7.24 11.34 24.52
N LYS A 50 7.73 10.98 23.35
CA LYS A 50 9.00 11.51 22.89
C LYS A 50 9.04 11.94 21.43
N ALA A 51 9.72 13.06 21.14
CA ALA A 51 9.98 13.48 19.79
C ALA A 51 11.48 13.54 19.60
N VAL A 52 11.97 13.05 18.46
CA VAL A 52 13.35 13.22 18.07
C VAL A 52 13.51 13.74 16.66
N THR A 53 14.72 14.12 16.30
CA THR A 53 14.96 14.68 14.99
C THR A 53 16.07 13.97 14.24
N SER A 54 16.52 12.82 14.76
CA SER A 54 17.40 11.98 13.98
C SER A 54 16.83 10.55 13.86
N VAL A 55 17.04 9.94 12.70
CA VAL A 55 16.60 8.58 12.44
C VAL A 55 17.30 7.66 13.39
N ASP A 56 18.59 7.88 13.63
CA ASP A 56 19.29 7.00 14.56
C ASP A 56 18.80 7.08 15.99
N ASP A 57 18.37 8.24 16.48
CA ASP A 57 17.78 8.32 17.79
C ASP A 57 16.42 7.64 17.86
N LEU A 58 15.77 7.45 16.71
CA LEU A 58 14.53 6.71 16.67
C LEU A 58 14.77 5.22 16.64
N VAL A 59 15.55 4.74 15.68
CA VAL A 59 15.69 3.34 15.48
C VAL A 59 16.57 2.74 16.57
N GLY A 60 17.52 3.54 17.09
CA GLY A 60 18.46 3.12 18.14
C GLY A 60 17.92 3.20 19.56
N ASP A 61 16.75 3.73 19.72
CA ASP A 61 16.16 3.85 21.09
C ASP A 61 15.95 2.41 21.58
N PRO A 62 16.55 2.04 22.74
CA PRO A 62 16.35 0.68 23.22
C PRO A 62 14.89 0.35 23.51
N ASP A 63 14.04 1.34 23.70
CA ASP A 63 12.67 0.97 24.02
C ASP A 63 11.73 1.02 22.79
N VAL A 64 12.30 1.12 21.58
CA VAL A 64 11.48 0.91 20.35
C VAL A 64 11.76 -0.47 19.77
N ASP A 65 10.68 -1.22 19.55
CA ASP A 65 10.73 -2.62 19.06
C ASP A 65 10.55 -2.67 17.55
N ALA A 66 9.73 -1.74 17.04
CA ALA A 66 9.29 -1.72 15.64
C ALA A 66 9.18 -0.27 15.16
N VAL A 67 9.35 -0.09 13.86
CA VAL A 67 9.35 1.19 13.25
C VAL A 67 8.31 1.31 12.12
N TYR A 68 7.51 2.39 12.11
CA TYR A 68 6.57 2.62 11.01
C TYR A 68 7.04 3.87 10.24
N ILE A 69 7.20 3.71 8.93
CA ILE A 69 7.84 4.72 8.09
C ILE A 69 6.76 5.23 7.18
N SER A 70 6.49 6.53 7.29
CA SER A 70 5.56 7.20 6.39
C SER A 70 6.05 8.60 5.89
N THR A 71 7.36 8.72 5.70
CA THR A 71 7.99 9.93 5.21
C THR A 71 7.80 10.04 3.69
N THR A 72 8.38 11.09 3.09
CA THR A 72 8.30 11.23 1.65
C THR A 72 8.96 10.01 0.99
N ASN A 73 8.45 9.62 -0.18
CA ASN A 73 8.80 8.34 -0.78
C ASN A 73 10.27 8.06 -0.92
N GLU A 74 11.03 9.06 -1.32
CA GLU A 74 12.45 8.88 -1.58
C GLU A 74 13.24 8.57 -0.32
N LEU A 75 12.69 8.85 0.87
CA LEU A 75 13.40 8.57 2.17
C LEU A 75 13.21 7.11 2.67
N HIS A 76 12.21 6.39 2.16
CA HIS A 76 11.85 5.06 2.67
C HIS A 76 12.98 4.04 2.72
N HIS A 77 13.67 3.83 1.61
CA HIS A 77 14.65 2.82 1.48
C HIS A 77 15.73 2.99 2.55
N GLY A 78 16.31 4.18 2.62
CA GLY A 78 17.42 4.40 3.56
C GLY A 78 17.02 4.39 5.03
N GLN A 79 15.83 4.88 5.34
CA GLN A 79 15.34 4.85 6.71
C GLN A 79 15.03 3.39 7.13
N ALA A 80 14.49 2.60 6.20
CA ALA A 80 14.24 1.16 6.48
C ALA A 80 15.57 0.44 6.72
N LEU A 81 16.58 0.75 5.90
CA LEU A 81 17.91 0.15 6.13
C LEU A 81 18.50 0.49 7.50
N ALA A 82 18.33 1.73 7.95
CA ALA A 82 18.80 2.10 9.28
C ALA A 82 18.11 1.29 10.39
N ALA A 83 16.78 1.16 10.31
CA ALA A 83 15.98 0.35 11.25
C ALA A 83 16.44 -1.11 11.30
N ILE A 84 16.72 -1.63 10.12
CA ILE A 84 17.10 -3.03 9.97
C ILE A 84 18.50 -3.23 10.56
N ARG A 85 19.35 -2.23 10.42
CA ARG A 85 20.74 -2.27 10.94
C ARG A 85 20.69 -2.24 12.48
N ALA A 86 19.71 -1.52 13.01
CA ALA A 86 19.40 -1.43 14.47
C ALA A 86 18.65 -2.63 14.98
N GLY A 87 18.32 -3.55 14.09
CA GLY A 87 17.69 -4.82 14.42
C GLY A 87 16.24 -4.58 14.84
N LYS A 88 15.58 -3.62 14.18
CA LYS A 88 14.15 -3.34 14.45
C LYS A 88 13.28 -3.76 13.28
N HIS A 89 12.06 -4.21 13.59
CA HIS A 89 11.07 -4.62 12.60
C HIS A 89 10.61 -3.34 11.93
N VAL A 90 10.19 -3.47 10.68
CA VAL A 90 9.83 -2.33 9.86
C VAL A 90 8.52 -2.59 9.15
N LEU A 91 7.56 -1.74 9.41
CA LEU A 91 6.41 -1.60 8.53
C LEU A 91 6.54 -0.30 7.77
N CYS A 92 6.64 -0.43 6.45
CA CYS A 92 6.96 0.70 5.59
C CYS A 92 5.75 0.96 4.67
N GLU A 93 5.24 2.21 4.69
CA GLU A 93 4.27 2.64 3.71
C GLU A 93 4.86 2.47 2.35
N LYS A 94 4.06 2.07 1.39
CA LYS A 94 4.61 2.02 0.04
C LYS A 94 5.20 3.38 -0.37
N PRO A 95 6.25 3.38 -1.18
CA PRO A 95 6.99 2.26 -1.68
C PRO A 95 8.12 1.89 -0.71
N LEU A 96 8.60 0.68 -0.82
CA LEU A 96 9.78 0.27 -0.11
C LEU A 96 10.99 1.04 -0.61
N ALA A 97 11.02 1.29 -1.89
CA ALA A 97 12.21 1.84 -2.56
C ALA A 97 11.79 2.43 -3.91
N MET A 98 12.74 3.04 -4.62
CA MET A 98 12.46 3.71 -5.88
C MET A 98 12.88 2.82 -7.04
N ASN A 99 13.60 1.75 -6.75
CA ASN A 99 14.01 0.83 -7.77
C ASN A 99 14.11 -0.55 -7.26
N LEU A 100 14.17 -1.51 -8.17
CA LEU A 100 14.00 -2.90 -7.76
C LEU A 100 15.19 -3.46 -7.01
N ASN A 101 16.38 -3.03 -7.43
N ASN A 101 16.40 -3.07 -7.42
CA ASN A 101 17.60 -3.48 -6.77
CA ASN A 101 17.55 -3.63 -6.75
C ASN A 101 17.51 -3.17 -5.29
C ASN A 101 17.56 -3.16 -5.28
N ASP A 102 17.16 -1.93 -5.00
CA ASP A 102 17.04 -1.45 -3.61
C ASP A 102 15.91 -2.15 -2.85
N GLY A 103 14.81 -2.48 -3.52
CA GLY A 103 13.73 -3.19 -2.84
C GLY A 103 14.14 -4.58 -2.53
N CYS A 104 14.80 -5.24 -3.49
CA CYS A 104 15.27 -6.62 -3.24
C CYS A 104 16.32 -6.66 -2.13
N GLU A 105 17.15 -5.63 -2.07
CA GLU A 105 18.20 -5.55 -1.08
C GLU A 105 17.60 -5.46 0.31
N MET A 106 16.53 -4.66 0.47
N MET A 106 16.54 -4.67 0.45
CA MET A 106 15.81 -4.56 1.76
CA MET A 106 15.87 -4.52 1.71
C MET A 106 15.30 -5.89 2.26
C MET A 106 15.26 -5.83 2.25
N VAL A 107 14.65 -6.61 1.38
CA VAL A 107 14.05 -7.89 1.75
C VAL A 107 15.14 -8.85 2.27
N LEU A 108 16.25 -8.89 1.54
CA LEU A 108 17.40 -9.73 1.93
C LEU A 108 17.98 -9.26 3.26
N LYS A 109 18.25 -7.98 3.41
CA LYS A 109 18.82 -7.50 4.68
C LYS A 109 17.91 -7.73 5.88
N ALA A 110 16.60 -7.53 5.70
CA ALA A 110 15.66 -7.83 6.78
C ALA A 110 15.69 -9.28 7.12
N CYS A 111 15.74 -10.13 6.08
CA CYS A 111 15.83 -11.56 6.32
C CYS A 111 17.14 -11.85 7.05
N GLU A 112 18.26 -11.27 6.60
CA GLU A 112 19.56 -11.51 7.27
C GLU A 112 19.63 -10.96 8.73
N ALA A 113 18.93 -9.87 8.97
CA ALA A 113 18.81 -9.25 10.29
C ALA A 113 17.90 -10.04 11.23
N GLY A 114 17.06 -10.92 10.70
CA GLY A 114 16.09 -11.64 11.53
C GLY A 114 14.90 -10.77 11.97
N VAL A 115 14.56 -9.71 11.20
CA VAL A 115 13.42 -8.83 11.55
C VAL A 115 12.29 -8.98 10.54
N VAL A 116 11.08 -8.65 10.97
CA VAL A 116 9.89 -8.66 10.13
C VAL A 116 9.93 -7.39 9.30
N LEU A 117 9.71 -7.53 7.99
CA LEU A 117 9.62 -6.38 7.10
C LEU A 117 8.25 -6.45 6.44
N GLY A 118 7.48 -5.39 6.58
CA GLY A 118 6.13 -5.33 5.99
C GLY A 118 6.03 -4.11 5.08
N THR A 119 5.23 -4.23 4.03
CA THR A 119 4.82 -3.10 3.22
C THR A 119 3.41 -2.81 3.60
N ASN A 120 3.10 -1.55 3.93
CA ASN A 120 1.71 -1.25 4.34
C ASN A 120 0.77 -0.98 3.15
N HIS A 121 0.58 -1.96 2.27
CA HIS A 121 -0.59 -1.95 1.38
C HIS A 121 -1.86 -2.27 2.22
N HIS A 122 -2.67 -1.26 2.41
CA HIS A 122 -3.79 -1.34 3.35
C HIS A 122 -4.98 -2.14 2.80
N LEU A 123 -5.21 -2.04 1.49
CA LEU A 123 -6.46 -2.52 0.95
C LEU A 123 -6.67 -4.02 1.14
N ARG A 124 -5.59 -4.82 1.05
CA ARG A 124 -5.72 -6.28 1.16
C ARG A 124 -6.19 -6.69 2.52
N ASN A 125 -6.16 -5.77 3.48
CA ASN A 125 -6.73 -6.02 4.82
C ASN A 125 -8.26 -5.83 4.91
N ALA A 126 -8.90 -5.26 3.90
CA ALA A 126 -10.33 -4.93 4.01
C ALA A 126 -11.12 -6.22 3.99
N ALA A 127 -12.27 -6.27 4.65
CA ALA A 127 -13.10 -7.41 4.60
C ALA A 127 -13.71 -7.62 3.20
N THR A 128 -13.86 -6.55 2.41
CA THR A 128 -14.35 -6.65 1.07
C THR A 128 -13.39 -7.49 0.22
N HIS A 129 -12.12 -7.08 0.15
CA HIS A 129 -11.14 -7.82 -0.63
C HIS A 129 -10.93 -9.23 -0.10
N ARG A 130 -10.92 -9.37 1.20
CA ARG A 130 -10.79 -10.70 1.78
C ARG A 130 -11.97 -11.62 1.37
N ALA A 131 -13.17 -11.10 1.38
CA ALA A 131 -14.34 -11.88 0.93
C ALA A 131 -14.23 -12.35 -0.51
N MET A 132 -13.77 -11.47 -1.37
CA MET A 132 -13.56 -11.80 -2.77
C MET A 132 -12.50 -12.89 -2.93
N ARG A 133 -11.40 -12.76 -2.19
CA ARG A 133 -10.27 -13.72 -2.27
C ARG A 133 -10.81 -15.11 -1.88
N GLU A 134 -11.51 -15.14 -0.74
CA GLU A 134 -12.10 -16.37 -0.20
C GLU A 134 -13.20 -16.94 -1.12
N ALA A 135 -14.12 -16.12 -1.64
CA ALA A 135 -15.12 -16.62 -2.55
C ALA A 135 -14.46 -17.24 -3.81
N ILE A 136 -13.45 -16.57 -4.35
CA ILE A 136 -12.73 -17.15 -5.53
C ILE A 136 -12.15 -18.50 -5.20
N ALA A 137 -11.40 -18.58 -4.11
CA ALA A 137 -10.77 -19.88 -3.72
C ALA A 137 -11.83 -20.98 -3.44
N ALA A 138 -13.02 -20.58 -3.00
CA ALA A 138 -14.10 -21.53 -2.78
C ALA A 138 -14.90 -21.98 -4.06
N GLY A 139 -14.44 -21.54 -5.22
CA GLY A 139 -15.09 -21.79 -6.50
C GLY A 139 -16.35 -21.03 -6.77
N ARG A 140 -16.66 -19.97 -6.03
CA ARG A 140 -17.97 -19.29 -6.25
C ARG A 140 -18.07 -18.55 -7.55
N ILE A 141 -16.97 -18.31 -8.26
CA ILE A 141 -17.10 -17.80 -9.61
C ILE A 141 -16.54 -18.71 -10.71
N GLY A 142 -16.36 -20.00 -10.44
CA GLY A 142 -15.68 -20.88 -11.35
C GLY A 142 -14.25 -20.35 -11.53
N ARG A 143 -13.76 -20.38 -12.75
CA ARG A 143 -12.37 -19.97 -12.98
C ARG A 143 -12.39 -18.44 -13.28
N PRO A 144 -11.58 -17.66 -12.58
CA PRO A 144 -11.46 -16.22 -12.90
C PRO A 144 -11.01 -16.05 -14.34
N ILE A 145 -11.66 -15.13 -15.06
CA ILE A 145 -11.27 -14.75 -16.46
C ILE A 145 -10.73 -13.32 -16.54
N ALA A 146 -11.34 -12.40 -15.81
CA ALA A 146 -11.04 -11.00 -16.04
C ALA A 146 -11.22 -10.22 -14.75
N ALA A 147 -10.41 -9.18 -14.57
CA ALA A 147 -10.61 -8.27 -13.46
C ALA A 147 -10.62 -6.82 -13.88
N ARG A 148 -11.30 -6.02 -13.09
CA ARG A 148 -11.40 -4.60 -13.37
C ARG A 148 -11.16 -3.85 -12.11
N VAL A 149 -10.32 -2.79 -12.19
CA VAL A 149 -10.12 -1.94 -11.02
C VAL A 149 -10.42 -0.47 -11.34
N PHE A 150 -11.23 0.13 -10.49
CA PHE A 150 -11.61 1.53 -10.62
C PHE A 150 -11.11 2.33 -9.42
N HIS A 151 -10.18 3.21 -9.69
CA HIS A 151 -9.53 3.96 -8.67
C HIS A 151 -9.26 5.39 -9.17
N ALA A 152 -10.27 5.95 -9.85
CA ALA A 152 -10.20 7.27 -10.41
C ALA A 152 -10.95 8.13 -9.39
N VAL A 153 -10.20 9.02 -8.73
CA VAL A 153 -10.68 9.81 -7.59
C VAL A 153 -10.23 11.24 -7.78
N TYR A 154 -10.64 12.09 -6.84
CA TYR A 154 -10.23 13.49 -6.88
C TYR A 154 -9.20 13.84 -5.80
N LEU A 155 -7.99 14.20 -6.19
CA LEU A 155 -7.00 14.61 -5.22
C LEU A 155 -6.56 15.97 -5.66
N PRO A 156 -7.05 17.05 -5.02
CA PRO A 156 -6.53 18.38 -5.38
C PRO A 156 -5.00 18.40 -5.61
N PRO A 157 -4.53 19.05 -6.69
CA PRO A 157 -3.09 19.12 -6.88
C PRO A 157 -2.44 20.04 -5.85
N HIS A 158 -1.67 19.45 -4.93
CA HIS A 158 -0.84 20.17 -3.92
C HIS A 158 -1.54 20.34 -2.55
N LEU A 159 -1.26 19.40 -1.64
CA LEU A 159 -1.74 19.41 -0.24
C LEU A 159 -1.09 18.23 0.53
N GLN A 160 -0.91 18.28 1.86
CA GLN A 160 -0.91 19.47 2.75
C GLN A 160 -2.29 20.11 3.09
N GLY A 161 -2.31 21.39 3.45
CA GLY A 161 -3.55 22.04 3.90
C GLY A 161 -3.51 23.51 4.36
N TRP A 162 -2.33 24.12 4.46
CA TRP A 162 -2.27 25.54 4.81
C TRP A 162 -2.57 26.42 3.58
N ARG A 163 -2.06 26.01 2.42
CA ARG A 163 -2.57 26.46 1.09
C ARG A 163 -2.10 25.53 -0.07
N LEU A 164 -1.01 25.91 -0.73
CA LEU A 164 -0.47 25.15 -1.87
C LEU A 164 1.05 25.03 -1.59
N ASP A 165 1.35 24.39 -0.46
CA ASP A 165 2.63 24.57 0.27
C ASP A 165 3.93 24.08 -0.43
N LYS A 166 4.55 23.02 0.12
CA LYS A 166 5.97 22.73 -0.15
C LYS A 166 6.16 22.11 -1.53
N PRO A 167 7.35 22.30 -2.14
CA PRO A 167 7.57 21.86 -3.53
C PRO A 167 6.79 20.58 -3.89
N GLU A 168 6.90 19.54 -3.03
CA GLU A 168 6.23 18.24 -3.21
C GLU A 168 6.56 17.59 -4.56
N ALA A 169 7.64 16.80 -4.59
CA ALA A 169 8.16 16.22 -5.83
C ALA A 169 7.28 15.08 -6.38
N GLY A 170 6.08 15.45 -6.84
CA GLY A 170 5.21 14.56 -7.63
C GLY A 170 4.80 13.30 -6.89
N GLY A 171 4.97 12.13 -7.50
CA GLY A 171 5.37 11.91 -8.89
C GLY A 171 4.47 10.85 -9.52
N GLY A 172 3.19 11.06 -9.39
CA GLY A 172 2.26 10.49 -10.29
C GLY A 172 1.37 9.41 -9.81
N VAL A 173 0.33 9.26 -10.59
CA VAL A 173 -0.78 8.40 -10.29
C VAL A 173 -0.36 6.93 -10.32
N ILE A 174 0.62 6.59 -11.16
CA ILE A 174 1.02 5.19 -11.32
C ILE A 174 1.67 4.74 -10.02
N LEU A 175 2.65 5.51 -9.55
CA LEU A 175 3.43 5.14 -8.41
C LEU A 175 2.69 5.44 -7.15
N ASP A 176 1.70 6.32 -7.18
N ASP A 176 1.71 6.35 -7.21
CA ASP A 176 0.90 6.54 -5.97
CA ASP A 176 0.86 6.63 -6.04
C ASP A 176 -0.37 5.70 -5.82
C ASP A 176 -0.29 5.64 -5.85
N ILE A 177 -1.03 5.36 -6.94
CA ILE A 177 -2.29 4.59 -6.88
C ILE A 177 -2.17 3.23 -7.53
N THR A 178 -1.61 3.18 -8.74
CA THR A 178 -1.65 1.91 -9.45
C THR A 178 -1.00 0.77 -8.65
N VAL A 179 0.03 1.07 -7.86
CA VAL A 179 0.74 0.08 -7.07
C VAL A 179 -0.15 -0.57 -6.01
N HIS A 180 -1.05 0.21 -5.40
CA HIS A 180 -2.06 -0.37 -4.54
C HIS A 180 -3.06 -1.25 -5.30
N ASP A 181 -3.45 -0.85 -6.52
CA ASP A 181 -4.31 -1.70 -7.29
C ASP A 181 -3.60 -3.03 -7.55
N ALA A 182 -2.34 -2.94 -7.95
CA ALA A 182 -1.55 -4.15 -8.20
C ALA A 182 -1.50 -5.05 -7.01
N ASP A 183 -1.16 -4.55 -5.84
CA ASP A 183 -1.08 -5.43 -4.68
C ASP A 183 -2.42 -6.08 -4.36
N THR A 184 -3.49 -5.30 -4.51
CA THR A 184 -4.86 -5.83 -4.14
C THR A 184 -5.25 -6.93 -5.11
N LEU A 185 -4.98 -6.72 -6.39
CA LEU A 185 -5.24 -7.76 -7.38
C LEU A 185 -4.49 -9.04 -7.09
N ARG A 186 -3.19 -8.89 -6.75
CA ARG A 186 -2.36 -10.06 -6.38
C ARG A 186 -2.94 -10.81 -5.21
N PHE A 187 -3.48 -10.08 -4.23
CA PHE A 187 -4.11 -10.69 -3.08
C PHE A 187 -5.42 -11.40 -3.45
N VAL A 188 -6.26 -10.70 -4.18
CA VAL A 188 -7.58 -11.24 -4.51
C VAL A 188 -7.48 -12.43 -5.43
N LEU A 189 -6.60 -12.33 -6.44
CA LEU A 189 -6.43 -13.39 -7.44
C LEU A 189 -5.50 -14.51 -6.98
N ASN A 190 -4.79 -14.31 -5.87
CA ASN A 190 -3.68 -15.18 -5.43
C ASN A 190 -2.77 -15.58 -6.61
N ASP A 191 -2.25 -14.60 -7.33
CA ASP A 191 -1.53 -14.84 -8.58
C ASP A 191 -0.75 -13.57 -8.88
N ASP A 192 0.25 -13.67 -9.77
CA ASP A 192 1.15 -12.64 -10.12
C ASP A 192 0.96 -12.12 -11.52
N PRO A 193 1.19 -10.79 -11.71
CA PRO A 193 1.12 -10.22 -13.02
C PRO A 193 2.39 -10.47 -13.75
N ILE A 194 2.31 -10.69 -15.06
CA ILE A 194 3.51 -10.96 -15.82
C ILE A 194 3.81 -9.89 -16.88
N GLU A 195 2.82 -9.09 -17.29
CA GLU A 195 3.11 -8.03 -18.25
C GLU A 195 2.11 -6.92 -18.18
N ALA A 196 2.51 -5.75 -18.59
CA ALA A 196 1.64 -4.58 -18.56
C ALA A 196 1.65 -3.85 -19.88
N VAL A 197 0.48 -3.31 -20.23
CA VAL A 197 0.36 -2.22 -21.19
C VAL A 197 -0.42 -1.07 -20.55
N ALA A 198 -0.15 0.13 -21.00
CA ALA A 198 -0.79 1.33 -20.41
C ALA A 198 -0.69 2.54 -21.32
N ILE A 199 -1.63 3.46 -21.13
CA ILE A 199 -1.64 4.81 -21.65
C ILE A 199 -1.93 5.75 -20.49
N SER A 200 -1.09 6.80 -20.35
CA SER A 200 -1.20 7.75 -19.27
C SER A 200 -1.44 9.15 -19.79
N HIS A 201 -1.98 10.00 -18.93
CA HIS A 201 -2.27 11.38 -19.26
C HIS A 201 -1.50 12.26 -18.29
N SER A 202 -0.84 13.27 -18.83
CA SER A 202 -0.15 14.28 -18.05
C SER A 202 -0.78 15.64 -18.30
N ALA A 203 -0.83 16.51 -17.28
CA ALA A 203 -1.48 17.80 -17.44
C ALA A 203 -0.58 18.70 -18.31
N GLY A 204 -1.16 19.54 -19.14
CA GLY A 204 -0.33 20.37 -20.02
C GLY A 204 0.71 19.56 -20.81
N MET A 205 1.26 20.20 -21.80
CA MET A 205 1.92 19.47 -22.90
C MET A 205 3.19 18.80 -22.45
N GLY A 206 3.46 17.61 -23.00
CA GLY A 206 4.43 16.65 -22.43
C GLY A 206 5.61 17.34 -21.79
N LYS A 207 5.81 17.14 -20.48
CA LYS A 207 6.71 18.03 -19.73
C LYS A 207 7.03 17.55 -18.31
N GLU A 208 7.28 18.54 -17.48
CA GLU A 208 7.08 18.48 -16.04
C GLU A 208 5.56 18.45 -15.68
N GLY A 209 4.70 17.94 -16.57
CA GLY A 209 3.28 17.75 -16.25
C GLY A 209 3.09 16.60 -15.27
N LEU A 210 2.24 16.79 -14.26
CA LEU A 210 1.90 15.68 -13.37
C LEU A 210 1.19 14.59 -14.18
N GLU A 211 1.65 13.36 -14.08
CA GLU A 211 0.92 12.20 -14.67
C GLU A 211 -0.32 11.99 -13.77
N ASP A 212 -1.50 12.35 -14.24
CA ASP A 212 -2.67 12.49 -13.39
C ASP A 212 -3.80 11.54 -13.74
N GLY A 213 -3.56 10.74 -14.77
CA GLY A 213 -4.44 9.61 -15.05
C GLY A 213 -3.74 8.55 -15.81
N VAL A 214 -4.21 7.31 -15.61
CA VAL A 214 -3.66 6.16 -16.30
C VAL A 214 -4.75 5.12 -16.47
N MET A 215 -4.74 4.44 -17.61
CA MET A 215 -5.44 3.22 -17.80
C MET A 215 -4.51 2.20 -18.40
N GLY A 216 -4.71 0.96 -18.00
CA GLY A 216 -3.87 -0.09 -18.53
C GLY A 216 -4.41 -1.45 -18.30
N VAL A 217 -3.58 -2.44 -18.65
CA VAL A 217 -3.97 -3.80 -18.50
C VAL A 217 -2.79 -4.60 -18.02
N LEU A 218 -3.03 -5.42 -17.01
CA LEU A 218 -2.11 -6.42 -16.56
C LEU A 218 -2.52 -7.80 -17.03
N ARG A 219 -1.57 -8.53 -17.63
CA ARG A 219 -1.79 -9.97 -17.87
C ARG A 219 -1.24 -10.74 -16.68
N PHE A 220 -2.09 -11.56 -16.07
CA PHE A 220 -1.71 -12.41 -14.97
C PHE A 220 -1.25 -13.78 -15.42
N ARG A 221 -0.48 -14.44 -14.55
CA ARG A 221 0.13 -15.74 -14.87
CA ARG A 221 0.12 -15.75 -14.89
C ARG A 221 -0.92 -16.81 -15.22
N SER A 222 -2.08 -16.76 -14.54
CA SER A 222 -3.20 -17.68 -14.79
C SER A 222 -3.74 -17.47 -16.20
N GLY A 223 -3.62 -16.27 -16.73
CA GLY A 223 -4.28 -15.90 -18.04
C GLY A 223 -5.33 -14.82 -17.88
N VAL A 224 -5.68 -14.51 -16.63
CA VAL A 224 -6.61 -13.44 -16.33
C VAL A 224 -6.03 -12.15 -16.88
N ILE A 225 -6.90 -11.32 -17.45
CA ILE A 225 -6.54 -10.01 -17.90
C ILE A 225 -7.27 -9.04 -16.99
N ALA A 226 -6.51 -8.07 -16.50
CA ALA A 226 -7.01 -7.20 -15.44
C ALA A 226 -6.79 -5.77 -15.85
N GLN A 227 -7.87 -5.00 -16.00
CA GLN A 227 -7.73 -3.60 -16.32
C GLN A 227 -7.81 -2.74 -15.10
N PHE A 228 -7.13 -1.61 -15.16
CA PHE A 228 -7.17 -0.62 -14.11
C PHE A 228 -7.30 0.78 -14.68
N HIS A 229 -7.92 1.63 -13.89
CA HIS A 229 -8.10 3.05 -14.17
C HIS A 229 -7.87 3.86 -12.89
N ASP A 230 -6.80 4.63 -12.86
CA ASP A 230 -6.41 5.42 -11.71
C ASP A 230 -6.27 6.85 -12.16
N ALA A 231 -6.73 7.77 -11.32
CA ALA A 231 -6.64 9.17 -11.62
C ALA A 231 -6.76 10.01 -10.35
N PHE A 232 -6.31 11.25 -10.50
CA PHE A 232 -6.46 12.31 -9.51
C PHE A 232 -7.53 13.35 -9.87
N THR A 233 -8.09 13.26 -11.09
CA THR A 233 -8.86 14.32 -11.72
C THR A 233 -10.36 14.10 -11.83
N THR A 234 -10.87 12.98 -11.32
CA THR A 234 -12.28 12.64 -11.52
C THR A 234 -12.99 12.65 -10.18
N LYS A 235 -13.94 13.56 -10.05
CA LYS A 235 -14.66 13.72 -8.79
C LYS A 235 -15.80 12.81 -8.59
N PHE A 236 -16.41 12.33 -9.67
CA PHE A 236 -17.69 11.69 -9.56
C PHE A 236 -17.66 10.22 -9.95
N ALA A 237 -16.48 9.60 -9.87
CA ALA A 237 -16.39 8.17 -10.13
C ALA A 237 -16.16 7.35 -8.84
N GLU A 238 -17.06 6.45 -8.49
CA GLU A 238 -16.86 5.60 -7.32
C GLU A 238 -15.74 4.60 -7.59
N THR A 239 -15.12 4.12 -6.52
CA THR A 239 -14.01 3.14 -6.72
C THR A 239 -14.67 1.78 -6.76
N GLY A 240 -13.94 0.78 -7.23
CA GLY A 240 -14.45 -0.52 -7.39
C GLY A 240 -13.40 -1.54 -7.77
N LEU A 241 -13.69 -2.80 -7.52
CA LEU A 241 -12.84 -3.90 -7.97
C LEU A 241 -13.76 -5.07 -8.27
N GLU A 242 -13.60 -5.69 -9.44
CA GLU A 242 -14.48 -6.77 -9.88
C GLU A 242 -13.65 -7.88 -10.41
N VAL A 243 -14.17 -9.09 -10.25
CA VAL A 243 -13.59 -10.23 -10.82
C VAL A 243 -14.69 -11.04 -11.51
N HIS A 244 -14.49 -11.29 -12.80
CA HIS A 244 -15.48 -12.03 -13.60
C HIS A 244 -14.96 -13.40 -13.90
N GLY A 245 -15.75 -14.41 -13.57
CA GLY A 245 -15.35 -15.78 -13.82
C GLY A 245 -16.26 -16.61 -14.70
N THR A 246 -15.91 -17.89 -14.85
CA THR A 246 -16.72 -18.78 -15.70
C THR A 246 -18.12 -19.14 -15.14
N ALA A 247 -18.34 -18.94 -13.84
CA ALA A 247 -19.58 -19.38 -13.19
C ALA A 247 -20.07 -18.34 -12.27
N GLY A 248 -19.53 -17.11 -12.39
CA GLY A 248 -20.01 -16.05 -11.52
C GLY A 248 -19.16 -14.79 -11.66
N SER A 249 -19.63 -13.69 -11.08
CA SER A 249 -18.83 -12.47 -11.00
C SER A 249 -18.91 -11.91 -9.60
N LEU A 250 -17.81 -11.31 -9.15
CA LEU A 250 -17.78 -10.59 -7.88
C LEU A 250 -17.62 -9.08 -8.16
N ILE A 251 -18.51 -8.26 -7.65
CA ILE A 251 -18.52 -6.85 -7.91
C ILE A 251 -18.38 -6.12 -6.59
N GLY A 252 -17.17 -5.60 -6.39
CA GLY A 252 -16.88 -4.72 -5.28
C GLY A 252 -17.08 -3.26 -5.63
N ARG A 253 -17.89 -2.55 -4.86
CA ARG A 253 -18.13 -1.13 -4.99
C ARG A 253 -17.67 -0.41 -3.75
N ASN A 254 -17.00 0.74 -3.99
CA ASN A 254 -16.54 1.61 -2.93
C ASN A 254 -15.57 0.88 -2.01
N VAL A 255 -14.64 0.14 -2.59
CA VAL A 255 -13.74 -0.72 -1.85
C VAL A 255 -12.25 -0.35 -2.01
N MET A 256 -11.91 0.75 -2.69
CA MET A 256 -10.49 1.15 -2.82
C MET A 256 -10.11 2.35 -1.98
N THR A 257 -10.92 2.70 -0.96
CA THR A 257 -10.61 3.82 -0.08
C THR A 257 -9.92 3.27 1.14
N GLN A 258 -9.44 4.20 1.97
CA GLN A 258 -8.80 3.85 3.23
C GLN A 258 -9.77 3.38 4.29
N ARG A 259 -11.05 3.66 4.11
N ARG A 259 -11.05 3.67 4.10
CA ARG A 259 -12.03 3.40 5.16
CA ARG A 259 -12.09 3.38 5.10
C ARG A 259 -12.63 2.02 5.06
C ARG A 259 -12.60 1.96 5.05
N PRO A 260 -13.10 1.46 6.21
CA PRO A 260 -13.69 0.13 6.23
C PRO A 260 -15.14 0.14 5.71
N VAL A 261 -15.31 0.45 4.41
CA VAL A 261 -16.63 0.52 3.79
C VAL A 261 -16.66 -0.25 2.48
N GLY A 262 -17.80 -0.29 1.80
CA GLY A 262 -17.87 -0.97 0.52
C GLY A 262 -18.73 -2.22 0.59
N THR A 263 -19.19 -2.66 -0.56
CA THR A 263 -20.02 -3.86 -0.71
C THR A 263 -19.43 -4.78 -1.76
N VAL A 264 -19.77 -6.04 -1.63
CA VAL A 264 -19.43 -7.02 -2.62
C VAL A 264 -20.68 -7.82 -2.93
N VAL A 265 -21.03 -7.86 -4.22
CA VAL A 265 -22.08 -8.67 -4.67
C VAL A 265 -21.50 -9.83 -5.48
N LEU A 266 -22.09 -11.00 -5.27
CA LEU A 266 -21.87 -12.18 -6.12
C LEU A 266 -23.04 -12.34 -7.07
N ARG A 267 -22.78 -12.29 -8.38
CA ARG A 267 -23.76 -12.60 -9.40
C ARG A 267 -23.46 -13.96 -10.03
N ASN A 268 -24.48 -14.81 -10.07
CA ASN A 268 -24.33 -16.12 -10.61
C ASN A 268 -25.71 -16.61 -11.13
N GLU A 269 -25.83 -17.90 -11.39
CA GLU A 269 -27.11 -18.40 -11.91
C GLU A 269 -28.31 -18.16 -10.95
N GLU A 270 -28.09 -18.01 -9.66
CA GLU A 270 -29.18 -17.76 -8.71
C GLU A 270 -29.70 -16.33 -8.69
N GLY A 271 -28.90 -15.43 -9.26
CA GLY A 271 -29.16 -14.02 -9.27
C GLY A 271 -27.97 -13.24 -8.70
N GLU A 272 -28.30 -12.17 -8.01
CA GLU A 272 -27.33 -11.36 -7.31
C GLU A 272 -27.62 -11.36 -5.83
N SER A 273 -26.62 -11.55 -5.00
CA SER A 273 -26.75 -11.23 -3.58
C SER A 273 -25.51 -10.55 -2.99
N GLU A 274 -25.70 -9.76 -1.93
CA GLU A 274 -24.62 -9.11 -1.20
C GLU A 274 -23.92 -10.12 -0.32
N LEU A 275 -22.58 -10.19 -0.35
CA LEU A 275 -21.83 -11.06 0.52
C LEU A 275 -21.82 -10.44 1.91
N PRO A 276 -22.02 -11.23 2.97
CA PRO A 276 -22.02 -10.63 4.29
C PRO A 276 -20.59 -10.26 4.70
N LEU A 277 -20.41 -9.08 5.26
CA LEU A 277 -19.08 -8.57 5.54
C LEU A 277 -19.02 -8.05 6.96
N ASP A 278 -17.95 -8.36 7.66
CA ASP A 278 -17.73 -7.79 8.97
C ASP A 278 -16.63 -6.78 8.76
N HIS A 279 -17.02 -5.55 8.55
CA HIS A 279 -16.07 -4.49 8.23
C HIS A 279 -15.18 -4.19 9.40
N ARG A 280 -13.87 -4.15 9.18
CA ARG A 280 -12.98 -3.69 10.25
C ARG A 280 -11.82 -2.85 9.73
N ASN A 281 -11.46 -1.87 10.56
CA ASN A 281 -10.38 -0.96 10.34
C ASN A 281 -9.25 -1.68 9.64
N LEU A 282 -8.86 -1.20 8.46
CA LEU A 282 -7.84 -1.87 7.62
C LEU A 282 -6.53 -1.83 8.32
N TYR A 283 -6.25 -0.71 8.99
CA TYR A 283 -4.92 -0.49 9.61
C TYR A 283 -4.81 -1.29 10.89
N GLU A 284 -5.91 -1.39 11.64
CA GLU A 284 -5.96 -2.29 12.81
C GLU A 284 -5.65 -3.70 12.42
N THR A 285 -6.21 -4.15 11.30
CA THR A 285 -5.94 -5.51 10.83
C THR A 285 -4.45 -5.70 10.42
N ALA A 286 -3.89 -4.70 9.74
CA ALA A 286 -2.50 -4.76 9.31
C ALA A 286 -1.54 -4.85 10.49
N ILE A 287 -1.78 -4.02 11.49
CA ILE A 287 -0.93 -4.01 12.71
C ILE A 287 -1.04 -5.31 13.48
N ALA A 288 -2.24 -5.86 13.56
CA ALA A 288 -2.44 -7.12 14.27
C ALA A 288 -1.63 -8.24 13.62
N ALA A 289 -1.67 -8.28 12.30
CA ALA A 289 -0.91 -9.25 11.55
C ALA A 289 0.59 -9.03 11.76
N PHE A 290 1.02 -7.78 11.76
CA PHE A 290 2.45 -7.47 11.97
C PHE A 290 2.88 -7.90 13.37
N HIS A 291 2.07 -7.60 14.37
CA HIS A 291 2.37 -8.00 15.74
C HIS A 291 2.44 -9.53 15.85
N SER A 292 1.53 -10.26 15.20
CA SER A 292 1.65 -11.72 15.23
C SER A 292 2.92 -12.21 14.59
N ALA A 293 3.31 -11.59 13.48
CA ALA A 293 4.55 -11.97 12.83
C ALA A 293 5.78 -11.76 13.72
N ILE A 294 5.85 -10.67 14.45
CA ILE A 294 6.93 -10.37 15.37
C ILE A 294 6.98 -11.51 16.39
N GLY A 295 5.77 -11.93 16.80
CA GLY A 295 5.58 -13.03 17.75
C GLY A 295 5.95 -14.40 17.20
N GLY A 296 6.26 -14.49 15.92
CA GLY A 296 6.63 -15.75 15.31
C GLY A 296 5.42 -16.56 14.90
N ASN A 297 4.25 -15.91 14.84
CA ASN A 297 3.05 -16.52 14.29
CA ASN A 297 3.04 -16.51 14.28
C ASN A 297 2.53 -15.77 13.04
N GLY A 298 2.79 -16.29 11.88
CA GLY A 298 2.21 -15.74 10.70
C GLY A 298 3.08 -14.65 10.17
N ARG A 299 2.56 -13.96 9.18
CA ARG A 299 3.34 -13.12 8.35
C ARG A 299 2.63 -11.77 8.36
N PRO A 300 3.33 -10.69 8.02
CA PRO A 300 2.56 -9.47 7.80
C PRO A 300 1.55 -9.65 6.68
N SER A 301 0.53 -8.83 6.67
CA SER A 301 -0.50 -8.85 5.63
C SER A 301 0.09 -8.76 4.25
N ALA A 302 0.92 -7.74 4.06
CA ALA A 302 1.76 -7.66 2.87
C ALA A 302 3.23 -7.59 3.29
N SER A 303 4.01 -8.49 2.74
CA SER A 303 5.39 -8.65 3.06
C SER A 303 6.28 -7.68 2.34
N GLY A 304 7.58 -7.80 2.61
CA GLY A 304 8.59 -7.08 1.79
C GLY A 304 8.48 -7.53 0.32
N GLU A 305 8.28 -8.82 0.10
CA GLU A 305 8.15 -9.36 -1.25
C GLU A 305 6.95 -8.74 -1.99
N ASP A 306 5.84 -8.54 -1.29
CA ASP A 306 4.66 -7.94 -1.92
C ASP A 306 4.95 -6.52 -2.31
N GLY A 307 5.77 -5.88 -1.50
CA GLY A 307 6.18 -4.53 -1.82
C GLY A 307 7.12 -4.48 -3.06
N VAL A 308 8.00 -5.48 -3.17
CA VAL A 308 8.82 -5.56 -4.38
C VAL A 308 7.91 -5.82 -5.63
N TRP A 309 6.92 -6.65 -5.47
CA TRP A 309 5.93 -6.92 -6.56
C TRP A 309 5.19 -5.69 -7.00
N SER A 310 4.72 -4.92 -6.03
CA SER A 310 4.00 -3.67 -6.37
C SER A 310 4.90 -2.63 -7.04
N LEU A 311 6.11 -2.49 -6.54
CA LEU A 311 7.09 -1.58 -7.15
C LEU A 311 7.43 -2.04 -8.59
N ALA A 312 7.66 -3.34 -8.80
CA ALA A 312 8.00 -3.83 -10.15
C ALA A 312 6.85 -3.57 -11.13
N THR A 313 5.62 -3.79 -10.68
CA THR A 313 4.45 -3.59 -11.51
C THR A 313 4.32 -2.12 -11.85
N GLY A 314 4.42 -1.24 -10.83
CA GLY A 314 4.42 0.21 -11.04
C GLY A 314 5.48 0.65 -12.03
N LEU A 315 6.66 0.12 -11.92
CA LEU A 315 7.74 0.57 -12.79
C LEU A 315 7.48 0.11 -14.23
N ALA A 316 6.95 -1.11 -14.38
CA ALA A 316 6.50 -1.62 -15.68
C ALA A 316 5.44 -0.77 -16.33
N VAL A 317 4.47 -0.33 -15.54
CA VAL A 317 3.39 0.48 -16.04
C VAL A 317 3.91 1.87 -16.48
N VAL A 318 4.82 2.47 -15.71
CA VAL A 318 5.43 3.74 -16.07
C VAL A 318 6.10 3.56 -17.41
N LYS A 319 6.86 2.49 -17.55
CA LYS A 319 7.63 2.25 -18.80
C LYS A 319 6.70 1.97 -20.01
N ALA A 320 5.66 1.17 -19.79
CA ALA A 320 4.70 0.85 -20.89
C ALA A 320 4.02 2.12 -21.30
N ALA A 321 3.61 2.96 -20.34
CA ALA A 321 2.98 4.24 -20.72
C ALA A 321 3.97 5.15 -21.50
N ALA A 322 5.24 5.17 -21.09
CA ALA A 322 6.19 6.12 -21.66
C ALA A 322 6.59 5.66 -23.03
N THR A 323 6.69 4.34 -23.19
CA THR A 323 7.27 3.76 -24.40
C THR A 323 6.25 3.30 -25.39
N GLY A 324 5.00 3.11 -24.94
CA GLY A 324 4.03 2.48 -25.79
C GLY A 324 4.18 1.00 -25.99
N GLY A 325 5.09 0.34 -25.26
CA GLY A 325 5.29 -1.09 -25.49
C GLY A 325 4.89 -1.92 -24.29
N ALA A 326 4.55 -3.19 -24.47
CA ALA A 326 4.21 -4.04 -23.37
C ALA A 326 5.48 -4.32 -22.60
N VAL A 327 5.42 -4.27 -21.30
CA VAL A 327 6.58 -4.58 -20.52
C VAL A 327 6.39 -5.72 -19.56
N GLU A 328 7.39 -6.60 -19.56
CA GLU A 328 7.35 -7.77 -18.73
C GLU A 328 7.69 -7.38 -17.28
N ILE A 329 7.02 -7.97 -16.32
CA ILE A 329 7.16 -7.59 -14.93
C ILE A 329 8.10 -8.61 -14.29
N GLU A 330 9.25 -8.17 -13.85
CA GLU A 330 10.17 -9.11 -13.23
C GLU A 330 10.72 -8.49 -11.97
N THR A 331 10.56 -9.25 -10.93
CA THR A 331 10.76 -8.78 -9.62
C THR A 331 12.30 -8.79 -9.25
N GLY A 332 13.01 -9.81 -9.74
CA GLY A 332 14.42 -10.00 -9.38
C GLY A 332 14.53 -10.58 -7.98
N LEU A 333 13.37 -10.99 -7.42
CA LEU A 333 13.33 -11.77 -6.17
C LEU A 333 13.84 -13.15 -6.50
#